data_4KIE
#
_entry.id   4KIE
#
_cell.length_a   73.626
_cell.length_b   87.818
_cell.length_c   94.723
_cell.angle_alpha   90.000
_cell.angle_beta   90.000
_cell.angle_gamma   90.000
#
_symmetry.space_group_name_H-M   'I 2 2 2'
#
loop_
_entity.id
_entity.type
_entity.pdbx_description
1 polymer 'Cyclic di-GMP phosphodiesterase YahA'
2 non-polymer 'TRIETHYLENE GLYCOL'
3 water water
#
_entity_poly.entity_id   1
_entity_poly.type   'polypeptide(L)'
_entity_poly.pdbx_seq_one_letter_code
;MHRYINDNHYHHIVTPEAISLALENHEFKPWIQPVFCAQTGVLTGCEVLVRWEHPQTGIIPPDQFIPLAESSGLIVIMTR
QLMKQTADILMPVKHLLPDNFHIGINVSAGCFLAAGFEKECLNLVNKLGNDKIKLVLELTERNPIPVTPEARAIFDSLHQ
HNITFALDDFGTGYATYRYLQAFPVDFIKIDKSFVQMASVDEISGHIVDNIVELARKPGLSIVAEGVETQEQADLMIGKG
VHFLQGYLYSPPVPGNKFISEWVMKAGGAAALEHHHHHH
;
_entity_poly.pdbx_strand_id   A
#
loop_
_chem_comp.id
_chem_comp.type
_chem_comp.name
_chem_comp.formula
PGE non-polymer 'TRIETHYLENE GLYCOL' 'C6 H14 O4'
#
# COMPACT_ATOMS: atom_id res chain seq x y z
N TYR A 4 14.48 -32.18 -10.21
CA TYR A 4 14.40 -31.02 -11.13
C TYR A 4 15.66 -30.14 -11.03
N ILE A 5 16.39 -30.05 -12.13
CA ILE A 5 17.60 -29.28 -12.18
C ILE A 5 17.28 -27.95 -12.81
N ASN A 6 17.48 -26.88 -12.10
CA ASN A 6 17.10 -25.57 -12.59
C ASN A 6 18.34 -24.72 -12.86
N ASP A 7 18.43 -24.16 -14.08
CA ASP A 7 19.53 -23.24 -14.43
C ASP A 7 19.16 -21.84 -13.92
N ASN A 8 19.54 -21.59 -12.67
CA ASN A 8 19.08 -20.42 -11.94
C ASN A 8 20.05 -20.07 -10.81
N HIS A 9 20.72 -18.94 -10.93
CA HIS A 9 21.73 -18.51 -9.97
C HIS A 9 21.27 -17.41 -9.03
N TYR A 10 20.01 -17.02 -9.15
CA TYR A 10 19.46 -15.91 -8.37
C TYR A 10 18.35 -16.29 -7.41
N HIS A 11 17.66 -17.40 -7.66
CA HIS A 11 16.73 -17.95 -6.68
C HIS A 11 17.48 -18.59 -5.52
N HIS A 12 17.15 -18.17 -4.31
CA HIS A 12 17.66 -18.79 -3.11
C HIS A 12 16.45 -19.02 -2.22
N ILE A 13 16.29 -20.26 -1.76
CA ILE A 13 15.13 -20.60 -0.93
C ILE A 13 15.09 -19.60 0.21
N VAL A 14 13.96 -18.89 0.33
CA VAL A 14 13.83 -17.92 1.38
C VAL A 14 13.40 -18.68 2.63
N THR A 15 14.15 -18.50 3.68
CA THR A 15 13.86 -19.16 4.97
C THR A 15 13.60 -18.09 6.00
N PRO A 16 12.99 -18.49 7.12
CA PRO A 16 12.84 -17.51 8.16
C PRO A 16 14.17 -16.97 8.64
N GLU A 17 15.21 -17.80 8.71
CA GLU A 17 16.48 -17.27 9.20
C GLU A 17 17.09 -16.27 8.22
N ALA A 18 16.87 -16.44 6.92
CA ALA A 18 17.33 -15.44 5.92
C ALA A 18 16.59 -14.10 6.09
N ILE A 19 15.30 -14.18 6.32
CA ILE A 19 14.50 -12.96 6.56
C ILE A 19 14.98 -12.27 7.84
N SER A 20 15.18 -13.04 8.91
N SER A 20 15.18 -13.04 8.90
CA SER A 20 15.64 -12.49 10.18
CA SER A 20 15.63 -12.48 10.18
C SER A 20 16.98 -11.79 10.07
C SER A 20 16.98 -11.79 10.07
N LEU A 21 17.97 -12.45 9.46
CA LEU A 21 19.28 -11.83 9.26
C LEU A 21 19.15 -10.54 8.41
N ALA A 22 18.31 -10.61 7.38
CA ALA A 22 18.12 -9.44 6.50
C ALA A 22 17.51 -8.27 7.28
N LEU A 23 16.62 -8.57 8.21
CA LEU A 23 16.10 -7.55 9.14
C LEU A 23 17.20 -6.97 10.05
N GLU A 24 18.08 -7.83 10.55
CA GLU A 24 19.22 -7.36 11.31
C GLU A 24 20.09 -6.42 10.49
N ASN A 25 20.25 -6.73 9.19
CA ASN A 25 21.07 -5.93 8.28
C ASN A 25 20.30 -4.79 7.58
N HIS A 26 19.04 -4.59 7.96
CA HIS A 26 18.16 -3.54 7.42
C HIS A 26 18.10 -3.57 5.89
N GLU A 27 17.91 -4.77 5.35
CA GLU A 27 17.92 -4.94 3.90
C GLU A 27 16.57 -4.67 3.26
N PHE A 28 15.52 -4.53 4.06
CA PHE A 28 14.17 -4.33 3.52
C PHE A 28 13.94 -2.83 3.46
N LYS A 29 13.84 -2.32 2.24
CA LYS A 29 13.88 -0.88 1.98
C LYS A 29 12.55 -0.42 1.43
N PRO A 30 12.13 0.79 1.81
CA PRO A 30 10.91 1.34 1.23
C PRO A 30 11.20 1.99 -0.11
N TRP A 31 10.61 1.43 -1.16
CA TRP A 31 10.54 2.14 -2.44
C TRP A 31 9.21 2.91 -2.41
N ILE A 32 9.10 3.94 -3.24
CA ILE A 32 7.97 4.87 -3.14
C ILE A 32 7.45 5.10 -4.52
N GLN A 33 6.14 4.94 -4.70
CA GLN A 33 5.51 5.17 -5.99
C GLN A 33 4.53 6.37 -5.86
N PRO A 34 4.63 7.35 -6.74
CA PRO A 34 3.68 8.48 -6.64
C PRO A 34 2.25 8.14 -7.04
N VAL A 35 1.33 8.92 -6.44
CA VAL A 35 -0.08 8.78 -6.69
C VAL A 35 -0.59 10.18 -7.08
N PHE A 36 -1.48 10.18 -8.05
CA PHE A 36 -1.96 11.39 -8.72
C PHE A 36 -3.48 11.58 -8.68
N CYS A 37 -3.89 12.84 -8.76
CA CYS A 37 -5.32 13.20 -8.92
C CYS A 37 -5.83 12.97 -10.31
N ALA A 38 -6.66 11.95 -10.47
CA ALA A 38 -7.30 11.65 -11.74
C ALA A 38 -6.23 11.69 -12.85
N GLN A 39 -6.48 12.41 -13.95
CA GLN A 39 -5.48 12.52 -15.03
C GLN A 39 -4.86 13.91 -15.11
N THR A 40 -4.90 14.61 -13.99
CA THR A 40 -4.39 16.00 -13.92
C THR A 40 -2.89 16.05 -13.94
N GLY A 41 -2.22 14.96 -13.53
CA GLY A 41 -0.80 14.95 -13.26
C GLY A 41 -0.33 15.64 -11.98
N VAL A 42 -1.27 16.01 -11.11
CA VAL A 42 -0.97 16.62 -9.84
C VAL A 42 -0.72 15.52 -8.81
N LEU A 43 0.43 15.60 -8.17
CA LEU A 43 0.83 14.65 -7.13
C LEU A 43 -0.01 14.84 -5.88
N THR A 44 -0.63 13.77 -5.43
CA THR A 44 -1.42 13.81 -4.20
C THR A 44 -0.83 13.03 -3.05
N GLY A 45 0.08 12.10 -3.36
CA GLY A 45 0.50 11.17 -2.36
C GLY A 45 1.42 10.13 -2.95
N CYS A 46 1.58 9.06 -2.20
CA CYS A 46 2.43 7.98 -2.64
C CYS A 46 1.98 6.70 -1.99
N GLU A 47 2.59 5.62 -2.43
CA GLU A 47 2.54 4.35 -1.73
C GLU A 47 3.98 3.91 -1.46
N VAL A 48 4.20 3.43 -0.25
CA VAL A 48 5.46 2.80 0.12
C VAL A 48 5.37 1.30 -0.13
N LEU A 49 6.37 0.79 -0.85
CA LEU A 49 6.39 -0.61 -1.32
C LEU A 49 7.72 -1.20 -0.90
N VAL A 50 7.69 -2.33 -0.22
CA VAL A 50 8.93 -2.95 0.21
C VAL A 50 9.68 -3.65 -0.91
N ARG A 51 11.00 -3.53 -0.89
CA ARG A 51 11.86 -4.33 -1.72
C ARG A 51 12.97 -4.86 -0.83
N TRP A 52 13.35 -6.12 -1.04
CA TRP A 52 14.48 -6.69 -0.30
C TRP A 52 15.75 -6.51 -1.11
N GLU A 53 16.61 -5.62 -0.69
CA GLU A 53 17.85 -5.34 -1.39
C GLU A 53 18.96 -6.21 -0.77
N HIS A 54 19.19 -7.35 -1.39
CA HIS A 54 20.16 -8.29 -0.84
C HIS A 54 21.42 -8.22 -1.69
N PRO A 55 22.56 -7.82 -1.10
CA PRO A 55 23.81 -7.94 -1.87
C PRO A 55 23.98 -9.41 -2.31
N GLN A 56 24.33 -9.77 -3.53
CA GLN A 56 24.32 -8.98 -4.76
C GLN A 56 23.38 -9.73 -5.72
N THR A 57 22.44 -10.46 -5.12
CA THR A 57 21.25 -10.98 -5.77
C THR A 57 20.50 -9.85 -6.41
N GLY A 58 20.33 -8.78 -5.63
CA GLY A 58 19.75 -7.59 -6.18
C GLY A 58 18.47 -7.25 -5.45
N ILE A 59 17.54 -6.68 -6.20
CA ILE A 59 16.30 -6.10 -5.66
C ILE A 59 15.24 -7.15 -5.78
N ILE A 60 14.90 -7.75 -4.65
CA ILE A 60 13.97 -8.86 -4.65
C ILE A 60 12.53 -8.37 -4.40
N PRO A 61 11.60 -8.75 -5.28
CA PRO A 61 10.22 -8.29 -5.10
C PRO A 61 9.48 -9.05 -4.02
N PRO A 62 8.43 -8.43 -3.46
CA PRO A 62 7.77 -9.01 -2.31
C PRO A 62 7.11 -10.37 -2.53
N ASP A 63 6.79 -10.75 -3.77
CA ASP A 63 6.20 -12.08 -3.97
C ASP A 63 7.14 -13.24 -3.59
N GLN A 64 8.42 -12.93 -3.39
CA GLN A 64 9.42 -13.93 -3.02
C GLN A 64 9.52 -14.14 -1.52
N PHE A 65 8.94 -13.25 -0.72
CA PHE A 65 9.17 -13.30 0.72
C PHE A 65 8.01 -12.89 1.65
N ILE A 66 7.03 -12.15 1.14
CA ILE A 66 5.98 -11.68 2.05
C ILE A 66 5.12 -12.81 2.64
N PRO A 67 4.80 -13.86 1.85
CA PRO A 67 4.00 -14.93 2.46
C PRO A 67 4.70 -15.54 3.68
N LEU A 68 5.99 -15.82 3.56
CA LEU A 68 6.77 -16.33 4.71
C LEU A 68 6.99 -15.30 5.83
N ALA A 69 7.21 -14.04 5.46
CA ALA A 69 7.27 -12.98 6.46
C ALA A 69 5.98 -12.96 7.30
N GLU A 70 4.83 -13.15 6.66
CA GLU A 70 3.55 -13.20 7.38
C GLU A 70 3.38 -14.45 8.25
N SER A 71 3.61 -15.64 7.70
CA SER A 71 3.42 -16.88 8.49
C SER A 71 4.39 -16.98 9.67
N SER A 72 5.61 -16.49 9.48
CA SER A 72 6.65 -16.46 10.50
C SER A 72 6.44 -15.38 11.56
N GLY A 73 5.69 -14.34 11.21
CA GLY A 73 5.49 -13.18 12.05
C GLY A 73 6.54 -12.09 11.91
N LEU A 74 7.58 -12.33 11.10
CA LEU A 74 8.67 -11.40 10.95
C LEU A 74 8.19 -10.13 10.22
N ILE A 75 7.04 -10.21 9.58
CA ILE A 75 6.40 -9.03 8.93
C ILE A 75 6.20 -7.84 9.89
N VAL A 76 5.97 -8.14 11.16
CA VAL A 76 5.74 -7.07 12.13
C VAL A 76 6.97 -6.20 12.31
N ILE A 77 8.14 -6.80 12.52
CA ILE A 77 9.35 -6.03 12.57
C ILE A 77 9.63 -5.35 11.21
N MET A 78 9.39 -6.06 10.13
CA MET A 78 9.65 -5.51 8.79
C MET A 78 8.87 -4.23 8.59
N THR A 79 7.57 -4.27 8.90
CA THR A 79 6.71 -3.09 8.70
C THR A 79 7.12 -1.94 9.63
N ARG A 80 7.47 -2.27 10.86
CA ARG A 80 8.03 -1.26 11.75
C ARG A 80 9.26 -0.58 11.16
N GLN A 81 10.19 -1.37 10.60
CA GLN A 81 11.38 -0.81 9.97
C GLN A 81 11.03 0.08 8.78
N LEU A 82 10.06 -0.37 7.98
CA LEU A 82 9.66 0.37 6.80
C LEU A 82 9.06 1.72 7.20
N MET A 83 8.28 1.75 8.25
CA MET A 83 7.69 3.01 8.72
C MET A 83 8.75 3.96 9.28
N LYS A 84 9.71 3.41 10.04
CA LYS A 84 10.86 4.20 10.51
C LYS A 84 11.62 4.80 9.34
N GLN A 85 11.96 3.98 8.35
CA GLN A 85 12.79 4.43 7.23
C GLN A 85 12.04 5.42 6.36
N THR A 86 10.74 5.24 6.25
CA THR A 86 9.91 6.19 5.49
C THR A 86 9.99 7.57 6.14
N ALA A 87 9.86 7.63 7.46
CA ALA A 87 10.04 8.88 8.19
C ALA A 87 11.43 9.46 7.97
N ASP A 88 12.46 8.62 8.02
CA ASP A 88 13.83 9.10 7.86
C ASP A 88 14.02 9.75 6.49
N ILE A 89 13.44 9.12 5.45
CA ILE A 89 13.57 9.58 4.07
C ILE A 89 12.87 10.92 3.86
N LEU A 90 11.66 11.03 4.39
CA LEU A 90 10.81 12.18 4.10
C LEU A 90 10.96 13.36 5.07
N MET A 91 11.43 13.11 6.30
CA MET A 91 11.56 14.20 7.29
C MET A 91 12.34 15.42 6.76
N PRO A 92 13.51 15.19 6.14
CA PRO A 92 14.29 16.32 5.63
C PRO A 92 13.58 17.17 4.60
N VAL A 93 12.59 16.62 3.90
CA VAL A 93 11.90 17.35 2.86
C VAL A 93 10.41 17.54 3.12
N LYS A 94 9.98 17.31 4.37
CA LYS A 94 8.55 17.35 4.69
C LYS A 94 7.94 18.69 4.32
N HIS A 95 8.71 19.76 4.51
CA HIS A 95 8.24 21.12 4.22
C HIS A 95 8.03 21.35 2.73
N LEU A 96 8.63 20.50 1.88
CA LEU A 96 8.51 20.64 0.43
C LEU A 96 7.37 19.80 -0.15
N LEU A 97 6.81 18.88 0.63
CA LEU A 97 5.65 18.11 0.19
C LEU A 97 4.49 19.05 0.01
N PRO A 98 3.54 18.68 -0.88
CA PRO A 98 2.29 19.43 -0.90
C PRO A 98 1.54 19.26 0.41
N ASP A 99 0.86 20.30 0.86
CA ASP A 99 0.00 20.15 2.03
C ASP A 99 -0.98 19.00 1.81
N ASN A 100 -1.13 18.16 2.82
CA ASN A 100 -2.04 17.03 2.82
C ASN A 100 -1.62 15.85 1.90
N PHE A 101 -0.33 15.78 1.62
CA PHE A 101 0.30 14.64 0.91
C PHE A 101 -0.08 13.34 1.63
N HIS A 102 -0.63 12.39 0.90
CA HIS A 102 -1.05 11.10 1.44
C HIS A 102 0.08 10.09 1.31
N ILE A 103 0.19 9.25 2.32
CA ILE A 103 1.24 8.21 2.34
C ILE A 103 0.58 6.87 2.63
N GLY A 104 0.66 5.94 1.70
CA GLY A 104 0.02 4.64 1.82
C GLY A 104 1.05 3.63 2.29
N ILE A 105 0.72 2.92 3.37
CA ILE A 105 1.56 1.85 3.96
C ILE A 105 0.72 0.55 3.95
N ASN A 106 1.25 -0.56 3.41
CA ASN A 106 0.54 -1.85 3.46
C ASN A 106 0.65 -2.49 4.85
N VAL A 107 -0.50 -2.89 5.40
CA VAL A 107 -0.60 -3.40 6.78
C VAL A 107 -1.22 -4.76 6.73
N SER A 108 -0.48 -5.79 7.18
CA SER A 108 -1.02 -7.13 7.29
C SER A 108 -1.79 -7.32 8.60
N ALA A 109 -2.59 -8.36 8.66
CA ALA A 109 -3.40 -8.61 9.86
C ALA A 109 -2.53 -8.72 11.09
N GLY A 110 -1.38 -9.38 10.96
CA GLY A 110 -0.47 -9.50 12.08
C GLY A 110 0.10 -8.19 12.59
N CYS A 111 0.44 -7.27 11.68
CA CYS A 111 0.94 -5.95 12.05
C CYS A 111 -0.18 -5.18 12.79
N PHE A 112 -1.39 -5.25 12.23
CA PHE A 112 -2.54 -4.47 12.70
C PHE A 112 -2.85 -4.83 14.13
N LEU A 113 -2.73 -6.13 14.42
CA LEU A 113 -3.10 -6.69 15.74
C LEU A 113 -1.99 -6.64 16.76
N ALA A 114 -0.77 -6.30 16.35
CA ALA A 114 0.40 -6.38 17.22
C ALA A 114 0.38 -5.24 18.23
N ALA A 115 0.87 -5.53 19.43
CA ALA A 115 1.02 -4.48 20.42
C ALA A 115 1.87 -3.34 19.86
N GLY A 116 1.39 -2.12 20.09
CA GLY A 116 2.16 -0.94 19.70
C GLY A 116 1.91 -0.43 18.29
N PHE A 117 1.07 -1.12 17.53
CA PHE A 117 0.85 -0.72 16.12
C PHE A 117 0.39 0.73 15.99
N GLU A 118 -0.67 1.10 16.70
CA GLU A 118 -1.15 2.47 16.61
C GLU A 118 -0.05 3.47 16.99
N LYS A 119 0.71 3.14 18.04
CA LYS A 119 1.81 4.00 18.46
C LYS A 119 2.83 4.23 17.36
N GLU A 120 3.16 3.19 16.59
N GLU A 120 3.15 3.18 16.61
CA GLU A 120 4.14 3.33 15.52
CA GLU A 120 4.10 3.29 15.50
C GLU A 120 3.58 4.18 14.35
C GLU A 120 3.56 4.20 14.41
N CYS A 121 2.28 4.04 14.09
CA CYS A 121 1.58 4.90 13.11
C CYS A 121 1.59 6.37 13.52
N LEU A 122 1.25 6.63 14.78
CA LEU A 122 1.25 8.00 15.27
C LEU A 122 2.64 8.61 15.32
N ASN A 123 3.67 7.78 15.54
CA ASN A 123 5.04 8.25 15.52
C ASN A 123 5.45 8.72 14.13
N LEU A 124 5.09 7.95 13.11
CA LEU A 124 5.34 8.34 11.73
C LEU A 124 4.65 9.67 11.43
N VAL A 125 3.37 9.76 11.79
CA VAL A 125 2.61 10.99 11.51
C VAL A 125 3.22 12.21 12.21
N ASN A 126 3.53 12.05 13.49
CA ASN A 126 4.10 13.17 14.26
C ASN A 126 5.46 13.62 13.72
N LYS A 127 6.26 12.68 13.23
CA LYS A 127 7.55 13.01 12.63
C LYS A 127 7.41 13.82 11.35
N LEU A 128 6.37 13.55 10.58
CA LEU A 128 6.20 14.22 9.29
C LEU A 128 5.24 15.40 9.37
N GLY A 129 4.50 15.50 10.46
CA GLY A 129 3.54 16.59 10.70
C GLY A 129 2.09 16.13 10.60
N ASN A 130 1.40 16.04 11.74
CA ASN A 130 -0.03 15.72 11.79
C ASN A 130 -0.95 16.64 10.95
N ASP A 131 -0.54 17.88 10.80
N ASP A 131 -0.56 17.89 10.78
CA ASP A 131 -1.28 18.85 9.98
CA ASP A 131 -1.36 18.81 9.96
C ASP A 131 -0.61 19.08 8.62
C ASP A 131 -0.89 18.80 8.48
N LYS A 132 0.22 18.12 8.20
CA LYS A 132 0.92 18.25 6.94
C LYS A 132 0.64 17.07 6.04
N ILE A 133 0.71 15.86 6.59
CA ILE A 133 0.50 14.66 5.77
C ILE A 133 -0.74 13.89 6.21
N LYS A 134 -1.15 12.91 5.42
CA LYS A 134 -2.20 12.02 5.78
C LYS A 134 -1.75 10.57 5.60
N LEU A 135 -1.74 9.80 6.69
CA LEU A 135 -1.40 8.39 6.62
C LEU A 135 -2.59 7.55 6.19
N VAL A 136 -2.34 6.65 5.24
CA VAL A 136 -3.34 5.71 4.74
C VAL A 136 -2.88 4.27 4.93
N LEU A 137 -3.55 3.55 5.80
CA LEU A 137 -3.19 2.17 6.06
C LEU A 137 -3.97 1.29 5.11
N GLU A 138 -3.24 0.52 4.30
CA GLU A 138 -3.83 -0.28 3.27
C GLU A 138 -3.98 -1.70 3.71
N LEU A 139 -5.24 -2.13 3.78
CA LEU A 139 -5.58 -3.49 4.13
C LEU A 139 -5.88 -4.30 2.91
N THR A 140 -5.81 -5.61 3.06
CA THR A 140 -6.06 -6.46 1.91
C THR A 140 -7.00 -7.58 2.28
N GLU A 141 -7.92 -7.92 1.36
CA GLU A 141 -8.76 -9.09 1.50
C GLU A 141 -7.96 -10.38 1.46
N ARG A 142 -6.80 -10.34 0.79
CA ARG A 142 -5.92 -11.51 0.64
C ARG A 142 -5.82 -12.29 1.95
N ASN A 143 -5.55 -11.61 3.05
CA ASN A 143 -5.43 -12.29 4.34
C ASN A 143 -6.06 -11.45 5.45
N PRO A 144 -7.36 -11.67 5.70
CA PRO A 144 -8.10 -10.62 6.40
C PRO A 144 -7.91 -10.65 7.93
N ILE A 145 -8.08 -9.48 8.52
CA ILE A 145 -8.17 -9.35 9.97
C ILE A 145 -9.44 -10.05 10.44
N PRO A 146 -9.34 -11.01 11.39
CA PRO A 146 -10.59 -11.59 11.91
C PRO A 146 -11.48 -10.51 12.55
N VAL A 147 -12.77 -10.57 12.28
CA VAL A 147 -13.70 -9.59 12.87
C VAL A 147 -13.96 -9.91 14.34
N THR A 148 -13.51 -9.01 15.21
CA THR A 148 -13.69 -9.13 16.66
C THR A 148 -13.85 -7.71 17.16
N PRO A 149 -14.49 -7.55 18.33
CA PRO A 149 -14.60 -6.21 18.89
C PRO A 149 -13.25 -5.57 19.15
N GLU A 150 -12.25 -6.35 19.55
CA GLU A 150 -10.90 -5.84 19.79
C GLU A 150 -10.31 -5.24 18.52
N ALA A 151 -10.47 -5.95 17.42
CA ALA A 151 -9.97 -5.48 16.14
C ALA A 151 -10.72 -4.24 15.66
N ARG A 152 -12.03 -4.22 15.81
CA ARG A 152 -12.78 -3.01 15.49
C ARG A 152 -12.40 -1.80 16.35
N ALA A 153 -12.09 -2.03 17.63
CA ALA A 153 -11.62 -0.96 18.49
C ALA A 153 -10.29 -0.36 17.98
N ILE A 154 -9.38 -1.22 17.53
CA ILE A 154 -8.11 -0.75 16.95
C ILE A 154 -8.38 0.14 15.72
N PHE A 155 -9.21 -0.38 14.82
CA PHE A 155 -9.58 0.31 13.58
C PHE A 155 -10.20 1.68 13.89
N ASP A 156 -11.17 1.66 14.81
CA ASP A 156 -11.94 2.87 15.17
C ASP A 156 -11.08 3.88 15.89
N SER A 157 -10.15 3.40 16.71
CA SER A 157 -9.18 4.29 17.40
C SER A 157 -8.27 5.00 16.41
N LEU A 158 -7.76 4.24 15.45
CA LEU A 158 -6.95 4.85 14.42
C LEU A 158 -7.73 5.93 13.66
N HIS A 159 -8.97 5.61 13.30
CA HIS A 159 -9.87 6.56 12.67
C HIS A 159 -10.07 7.82 13.51
N GLN A 160 -10.16 7.65 14.85
CA GLN A 160 -10.28 8.79 15.76
C GLN A 160 -8.97 9.56 15.99
N HIS A 161 -7.83 9.03 15.51
CA HIS A 161 -6.54 9.68 15.69
C HIS A 161 -5.96 10.06 14.34
N ASN A 162 -6.86 10.38 13.41
CA ASN A 162 -6.53 11.14 12.22
C ASN A 162 -5.82 10.30 11.17
N ILE A 163 -6.05 8.99 11.22
CA ILE A 163 -5.47 8.06 10.26
C ILE A 163 -6.59 7.47 9.40
N THR A 164 -6.29 7.18 8.13
CA THR A 164 -7.30 6.68 7.19
C THR A 164 -6.92 5.28 6.73
N PHE A 165 -7.86 4.57 6.10
CA PHE A 165 -7.68 3.21 5.62
C PHE A 165 -8.08 3.05 4.15
N ALA A 166 -7.43 2.14 3.46
CA ALA A 166 -7.86 1.68 2.15
C ALA A 166 -8.03 0.17 2.17
N LEU A 167 -8.93 -0.37 1.36
CA LEU A 167 -9.03 -1.81 1.15
C LEU A 167 -8.66 -2.14 -0.28
N ASP A 168 -7.66 -3.02 -0.42
CA ASP A 168 -7.25 -3.57 -1.72
C ASP A 168 -8.25 -4.64 -1.92
N ASP A 169 -9.18 -4.33 -2.82
CA ASP A 169 -10.39 -5.09 -2.97
C ASP A 169 -10.37 -5.92 -4.26
N PHE A 170 -10.85 -7.15 -4.12
CA PHE A 170 -10.88 -8.14 -5.20
C PHE A 170 -12.28 -8.63 -5.56
N GLY A 171 -13.20 -8.58 -4.60
CA GLY A 171 -14.54 -9.14 -4.77
C GLY A 171 -15.63 -8.22 -4.28
N THR A 172 -16.86 -8.57 -4.59
CA THR A 172 -18.03 -7.86 -4.10
C THR A 172 -19.02 -8.88 -3.55
N GLY A 173 -18.53 -9.97 -3.00
CA GLY A 173 -19.40 -10.97 -2.39
C GLY A 173 -19.77 -10.63 -0.96
N TYR A 174 -20.58 -11.49 -0.36
CA TYR A 174 -21.09 -11.29 0.99
C TYR A 174 -19.99 -11.00 2.02
N ALA A 175 -18.89 -11.78 1.95
CA ALA A 175 -17.78 -11.63 2.90
C ALA A 175 -17.12 -10.25 2.79
N THR A 176 -17.02 -9.72 1.58
CA THR A 176 -16.46 -8.37 1.40
C THR A 176 -17.31 -7.31 2.09
N TYR A 177 -18.62 -7.38 1.89
CA TYR A 177 -19.53 -6.43 2.51
C TYR A 177 -19.48 -6.56 4.04
N ARG A 178 -19.41 -7.78 4.53
CA ARG A 178 -19.31 -7.99 5.98
C ARG A 178 -18.03 -7.41 6.56
N TYR A 179 -16.93 -7.62 5.85
N TYR A 179 -16.93 -7.61 5.84
CA TYR A 179 -15.63 -7.06 6.20
CA TYR A 179 -15.63 -7.05 6.23
C TYR A 179 -15.70 -5.53 6.31
C TYR A 179 -15.65 -5.53 6.28
N LEU A 180 -16.27 -4.90 5.29
CA LEU A 180 -16.41 -3.45 5.26
C LEU A 180 -17.35 -2.86 6.32
N GLN A 181 -18.31 -3.66 6.79
CA GLN A 181 -19.16 -3.27 7.89
C GLN A 181 -18.34 -3.15 9.16
N ALA A 182 -17.44 -4.11 9.35
CA ALA A 182 -16.55 -4.16 10.52
C ALA A 182 -15.47 -3.11 10.43
N PHE A 183 -14.96 -2.91 9.21
CA PHE A 183 -13.81 -2.06 8.97
C PHE A 183 -14.14 -1.08 7.84
N PRO A 184 -14.88 -0.02 8.18
CA PRO A 184 -15.35 0.93 7.17
C PRO A 184 -14.23 1.87 6.64
N VAL A 185 -13.55 1.41 5.61
CA VAL A 185 -12.40 2.11 5.09
C VAL A 185 -12.85 3.39 4.37
N ASP A 186 -11.88 4.26 4.17
CA ASP A 186 -12.04 5.56 3.50
C ASP A 186 -11.88 5.45 2.00
N PHE A 187 -11.05 4.52 1.57
CA PHE A 187 -10.73 4.34 0.17
C PHE A 187 -10.88 2.90 -0.29
N ILE A 188 -11.38 2.70 -1.49
CA ILE A 188 -11.38 1.40 -2.14
C ILE A 188 -10.27 1.44 -3.16
N LYS A 189 -9.43 0.42 -3.16
CA LYS A 189 -8.35 0.33 -4.13
C LYS A 189 -8.71 -0.79 -5.09
N ILE A 190 -8.67 -0.46 -6.37
CA ILE A 190 -8.77 -1.44 -7.44
C ILE A 190 -7.40 -2.06 -7.70
N ASP A 191 -7.31 -3.37 -7.46
CA ASP A 191 -6.06 -4.06 -7.58
C ASP A 191 -5.55 -4.03 -9.02
N LYS A 192 -4.23 -3.92 -9.12
CA LYS A 192 -3.53 -3.80 -10.37
C LYS A 192 -3.87 -4.94 -11.31
N SER A 193 -4.14 -6.12 -10.75
CA SER A 193 -4.51 -7.29 -11.55
C SER A 193 -5.78 -7.07 -12.36
N PHE A 194 -6.76 -6.37 -11.80
CA PHE A 194 -7.98 -6.06 -12.57
C PHE A 194 -7.85 -4.87 -13.49
N VAL A 195 -7.15 -3.83 -13.05
CA VAL A 195 -6.96 -2.65 -13.89
C VAL A 195 -6.28 -3.03 -15.19
N GLN A 196 -5.32 -3.92 -15.11
CA GLN A 196 -4.55 -4.30 -16.29
C GLN A 196 -5.36 -5.11 -17.29
N MET A 197 -6.41 -5.80 -16.81
CA MET A 197 -7.25 -6.60 -17.71
C MET A 197 -8.51 -5.87 -18.20
N ALA A 198 -8.96 -4.86 -17.46
CA ALA A 198 -10.21 -4.13 -17.78
C ALA A 198 -10.46 -3.85 -19.29
N SER A 199 -9.47 -3.30 -19.98
CA SER A 199 -9.61 -2.99 -21.41
C SER A 199 -9.43 -4.22 -22.32
N VAL A 200 -8.93 -5.33 -21.76
CA VAL A 200 -8.52 -6.54 -22.50
C VAL A 200 -9.49 -7.74 -22.37
N ASP A 201 -9.96 -7.98 -21.15
CA ASP A 201 -10.81 -9.14 -20.81
C ASP A 201 -12.16 -8.60 -20.32
N GLU A 202 -13.24 -8.99 -20.99
CA GLU A 202 -14.55 -8.42 -20.70
C GLU A 202 -14.99 -8.70 -19.27
N ILE A 203 -14.67 -9.88 -18.76
CA ILE A 203 -15.04 -10.24 -17.38
C ILE A 203 -14.36 -9.30 -16.39
N SER A 204 -13.06 -9.10 -16.56
CA SER A 204 -12.30 -8.20 -15.71
C SER A 204 -12.88 -6.78 -15.73
N GLY A 205 -13.31 -6.30 -16.89
CA GLY A 205 -14.04 -5.03 -16.99
C GLY A 205 -15.27 -4.96 -16.10
N HIS A 206 -16.10 -6.00 -16.15
CA HIS A 206 -17.28 -6.08 -15.27
C HIS A 206 -16.88 -6.10 -13.80
N ILE A 207 -15.81 -6.80 -13.46
CA ILE A 207 -15.37 -6.87 -12.05
C ILE A 207 -14.89 -5.50 -11.56
N VAL A 208 -14.13 -4.80 -12.38
CA VAL A 208 -13.74 -3.41 -12.04
C VAL A 208 -15.00 -2.58 -11.80
N ASP A 209 -15.98 -2.67 -12.70
CA ASP A 209 -17.23 -1.94 -12.48
C ASP A 209 -17.91 -2.29 -11.16
N ASN A 210 -17.89 -3.58 -10.79
CA ASN A 210 -18.48 -4.02 -9.56
C ASN A 210 -17.76 -3.45 -8.34
N ILE A 211 -16.44 -3.35 -8.45
CA ILE A 211 -15.63 -2.80 -7.36
C ILE A 211 -15.89 -1.31 -7.21
N VAL A 212 -15.95 -0.60 -8.32
CA VAL A 212 -16.28 0.84 -8.29
C VAL A 212 -17.62 1.05 -7.57
N GLU A 213 -18.60 0.20 -7.88
CA GLU A 213 -19.95 0.39 -7.34
C GLU A 213 -19.93 0.22 -5.81
N LEU A 214 -19.00 -0.59 -5.32
CA LEU A 214 -18.71 -0.71 -3.91
C LEU A 214 -18.41 0.63 -3.22
N ALA A 215 -17.68 1.52 -3.91
CA ALA A 215 -17.29 2.79 -3.41
C ALA A 215 -18.30 3.89 -3.70
N ARG A 216 -19.44 3.52 -4.27
CA ARG A 216 -20.45 4.53 -4.55
C ARG A 216 -21.33 4.81 -3.36
N LYS A 217 -20.75 5.53 -2.42
CA LYS A 217 -21.45 5.92 -1.22
C LYS A 217 -20.78 7.15 -0.64
N PRO A 218 -21.55 7.96 0.10
CA PRO A 218 -20.98 9.19 0.60
C PRO A 218 -19.71 9.03 1.38
N GLY A 219 -18.75 9.89 1.06
CA GLY A 219 -17.47 9.95 1.74
C GLY A 219 -16.41 8.97 1.29
N LEU A 220 -16.71 8.15 0.29
CA LEU A 220 -15.76 7.14 -0.20
C LEU A 220 -15.12 7.62 -1.49
N SER A 221 -13.89 7.24 -1.70
CA SER A 221 -13.23 7.53 -2.96
C SER A 221 -12.35 6.35 -3.32
N ILE A 222 -11.84 6.38 -4.55
CA ILE A 222 -11.25 5.19 -5.16
C ILE A 222 -9.84 5.50 -5.71
N VAL A 223 -8.91 4.56 -5.50
CA VAL A 223 -7.61 4.60 -6.18
C VAL A 223 -7.55 3.38 -7.11
N ALA A 224 -7.11 3.60 -8.33
CA ALA A 224 -6.72 2.52 -9.24
C ALA A 224 -5.20 2.45 -9.30
N GLU A 225 -4.64 1.26 -9.01
CA GLU A 225 -3.19 1.08 -9.11
C GLU A 225 -2.91 0.25 -10.36
N GLY A 226 -1.65 0.18 -10.74
CA GLY A 226 -1.24 -0.58 -11.90
C GLY A 226 -1.61 0.01 -13.23
N VAL A 227 -1.88 1.32 -13.26
CA VAL A 227 -2.21 1.99 -14.50
C VAL A 227 -0.98 2.06 -15.40
N GLU A 228 -1.03 1.34 -16.53
CA GLU A 228 0.11 1.22 -17.44
C GLU A 228 -0.03 2.01 -18.73
N THR A 229 -1.26 2.24 -19.17
CA THR A 229 -1.51 2.91 -20.44
C THR A 229 -2.51 4.04 -20.29
N GLN A 230 -2.44 4.95 -21.24
CA GLN A 230 -3.38 6.05 -21.33
C GLN A 230 -4.84 5.57 -21.41
N GLU A 231 -5.08 4.50 -22.17
N GLU A 231 -5.09 4.51 -22.18
CA GLU A 231 -6.42 3.92 -22.28
CA GLU A 231 -6.44 3.94 -22.26
C GLU A 231 -6.96 3.49 -20.90
C GLU A 231 -6.97 3.47 -20.89
N GLN A 232 -6.11 2.84 -20.10
CA GLN A 232 -6.51 2.40 -18.77
C GLN A 232 -6.83 3.62 -17.91
N ALA A 233 -5.99 4.64 -17.98
CA ALA A 233 -6.21 5.82 -17.14
C ALA A 233 -7.52 6.50 -17.51
N ASP A 234 -7.74 6.65 -18.82
CA ASP A 234 -9.01 7.20 -19.35
C ASP A 234 -10.23 6.45 -18.84
N LEU A 235 -10.14 5.14 -18.90
CA LEU A 235 -11.24 4.28 -18.51
C LEU A 235 -11.56 4.47 -17.04
N MET A 236 -10.50 4.56 -16.22
CA MET A 236 -10.66 4.65 -14.78
C MET A 236 -11.30 5.96 -14.38
N ILE A 237 -10.75 7.08 -14.88
CA ILE A 237 -11.38 8.37 -14.46
C ILE A 237 -12.83 8.48 -14.89
N GLY A 238 -13.14 7.95 -16.07
CA GLY A 238 -14.49 7.98 -16.58
C GLY A 238 -15.47 7.19 -15.73
N LYS A 239 -14.98 6.22 -14.96
CA LYS A 239 -15.79 5.48 -14.03
C LYS A 239 -15.95 6.15 -12.68
N GLY A 240 -15.39 7.34 -12.51
CA GLY A 240 -15.39 7.99 -11.21
C GLY A 240 -14.33 7.50 -10.24
N VAL A 241 -13.17 7.08 -10.76
CA VAL A 241 -11.97 6.83 -9.96
C VAL A 241 -11.19 8.11 -9.73
N HIS A 242 -10.86 8.39 -8.47
CA HIS A 242 -10.33 9.68 -8.07
C HIS A 242 -8.81 9.75 -8.20
N PHE A 243 -8.11 8.65 -7.93
CA PHE A 243 -6.66 8.68 -7.77
C PHE A 243 -6.06 7.57 -8.64
N LEU A 244 -5.00 7.92 -9.35
CA LEU A 244 -4.28 6.96 -10.20
C LEU A 244 -2.83 6.78 -9.81
N GLN A 245 -2.37 5.53 -10.03
CA GLN A 245 -1.03 5.14 -9.68
C GLN A 245 -0.59 4.07 -10.67
N GLY A 246 0.65 4.14 -11.16
CA GLY A 246 1.13 3.09 -12.04
C GLY A 246 2.30 3.48 -12.91
N TYR A 247 2.79 2.46 -13.61
CA TYR A 247 3.90 2.62 -14.53
CA TYR A 247 3.85 2.57 -14.60
C TYR A 247 3.69 3.74 -15.55
N LEU A 248 2.45 4.04 -15.92
CA LEU A 248 2.20 5.16 -16.84
C LEU A 248 2.88 6.44 -16.37
N TYR A 249 2.83 6.68 -15.07
CA TYR A 249 3.36 7.89 -14.46
C TYR A 249 4.75 7.62 -13.93
N SER A 250 4.88 6.56 -13.14
CA SER A 250 6.18 6.15 -12.61
C SER A 250 6.07 4.81 -11.90
N PRO A 251 7.04 3.92 -12.14
CA PRO A 251 7.17 2.80 -11.25
C PRO A 251 7.60 3.24 -9.85
N PRO A 252 7.59 2.31 -8.91
CA PRO A 252 8.21 2.59 -7.61
C PRO A 252 9.70 2.89 -7.83
N VAL A 253 10.21 3.81 -7.04
CA VAL A 253 11.62 4.21 -7.06
C VAL A 253 12.18 4.27 -5.65
N PRO A 254 13.51 4.15 -5.53
CA PRO A 254 14.05 4.33 -4.19
C PRO A 254 13.77 5.71 -3.59
N GLY A 255 13.84 5.80 -2.27
CA GLY A 255 13.53 7.05 -1.57
C GLY A 255 14.18 8.29 -2.11
N ASN A 256 15.50 8.25 -2.30
CA ASN A 256 16.20 9.44 -2.74
C ASN A 256 15.77 9.88 -4.11
N LYS A 257 15.50 8.92 -4.99
CA LYS A 257 15.00 9.22 -6.34
C LYS A 257 13.57 9.75 -6.32
N PHE A 258 12.74 9.22 -5.42
CA PHE A 258 11.39 9.75 -5.26
C PHE A 258 11.46 11.24 -4.91
N ILE A 259 12.32 11.58 -3.97
CA ILE A 259 12.48 12.99 -3.56
C ILE A 259 13.01 13.83 -4.71
N SER A 260 14.05 13.32 -5.36
CA SER A 260 14.65 14.03 -6.45
C SER A 260 13.68 14.28 -7.60
N GLU A 261 12.82 13.31 -7.92
CA GLU A 261 11.98 13.39 -9.11
C GLU A 261 10.63 14.09 -8.84
N TRP A 262 10.08 13.88 -7.64
CA TRP A 262 8.66 14.23 -7.36
C TRP A 262 8.46 15.29 -6.28
N VAL A 263 9.47 15.52 -5.44
CA VAL A 263 9.43 16.57 -4.41
C VAL A 263 10.33 17.78 -4.74
N MET A 264 11.32 17.58 -5.59
CA MET A 264 12.22 18.66 -6.02
C MET A 264 12.46 18.61 -7.52
C1 PGE B . -20.10 -1.30 0.96
O1 PGE B . -21.34 -0.64 0.69
C2 PGE B . -18.93 -0.34 0.70
O2 PGE B . -18.40 0.11 1.94
C3 PGE B . -17.21 0.86 1.79
C4 PGE B . -16.88 1.44 3.17
O4 PGE B . -20.17 3.42 5.60
C6 PGE B . -18.85 3.83 5.20
C5 PGE B . -17.93 2.63 4.96
O3 PGE B . -18.01 2.18 3.61
C1 PGE C . -4.22 10.55 -2.55
O1 PGE C . -2.87 10.19 -2.82
C2 PGE C . -5.15 9.40 -2.34
O2 PGE C . -4.58 8.33 -1.58
C3 PGE C . -5.42 7.18 -1.66
C4 PGE C . -4.77 6.01 -0.96
O4 PGE C . -1.94 3.20 -3.16
C6 PGE C . -1.75 4.28 -2.24
C5 PGE C . -2.99 4.47 -1.38
O3 PGE C . -3.47 5.80 -1.49
C1 PGE D . 5.05 -0.32 3.48
O1 PGE D . 3.90 -0.44 2.63
C2 PGE D . 5.02 -1.53 4.42
O2 PGE D . 5.04 -2.71 3.62
C3 PGE D . 5.02 -3.86 4.47
C4 PGE D . 4.98 -5.12 3.61
O4 PGE D . 3.32 -5.11 -0.41
C6 PGE D . 2.82 -5.93 0.67
C5 PGE D . 3.92 -6.11 1.71
O3 PGE D . 3.91 -5.06 2.65
C1 PGE E . -19.58 -5.45 20.33
O1 PGE E . -20.33 -6.20 21.28
C2 PGE E . -19.37 -4.02 20.82
O2 PGE E . -19.24 -3.06 19.76
C3 PGE E . -20.41 -2.99 18.95
C4 PGE E . -20.67 -1.60 18.40
O4 PGE E . -21.47 -2.89 14.70
C6 PGE E . -22.32 -3.41 15.73
C5 PGE E . -22.42 -2.42 16.89
O3 PGE E . -21.19 -1.70 17.06
C1 PGE F . 23.11 -15.29 -1.87
O1 PGE F . 23.78 -14.12 -1.35
C2 PGE F . 22.34 -15.99 -0.75
O2 PGE F . 21.49 -15.05 -0.08
C3 PGE F . 20.67 -15.66 0.92
C4 PGE F . 19.38 -14.85 1.06
O4 PGE F . 17.14 -14.73 -2.44
C6 PGE F . 16.50 -14.53 -1.18
C5 PGE F . 17.55 -14.09 -0.18
O3 PGE F . 18.53 -15.11 -0.06
#